data_4Y94
#
_entry.id   4Y94
#
_cell.length_a   37.203
_cell.length_b   64.012
_cell.length_c   80.029
_cell.angle_alpha   82.080
_cell.angle_beta   88.790
_cell.angle_gamma   89.890
#
_symmetry.space_group_name_H-M   'P 1'
#
loop_
_entity.id
_entity.type
_entity.pdbx_description
1 polymer 'Non-specific protein-tyrosine kinase'
2 non-polymer 'INOSITOL HEXAKISPHOSPHATE'
3 non-polymer 'ZINC ION'
4 water water
#
_entity_poly.entity_id   1
_entity_poly.type   'polypeptide(L)'
_entity_poly.pdbx_seq_one_letter_code
;GMATVILESIFLKRSQQKKKTSPLNFKKRLFLLTVQKLSYYEYDFERGRRGSKKGSIDVEKITCVETVVPEKNPPPERQI
PRRGEESSETEQISIIERFPYPFQVVYDEGPLYVFSPTEELRKRWIHQLKNVIRYNSDLVQKYHPCFWIDGQYLCCSQTA
KNAMGCQILEN
;
_entity_poly.pdbx_strand_id   B,C,A,D
#
# COMPACT_ATOMS: atom_id res chain seq x y z
N GLY A 1 -14.30 1.95 8.31
CA GLY A 1 -15.48 1.88 7.47
C GLY A 1 -15.95 3.25 7.03
N MET A 2 -16.14 4.14 7.99
CA MET A 2 -16.54 5.52 7.70
C MET A 2 -15.39 6.32 7.08
N ALA A 3 -14.17 5.82 7.25
CA ALA A 3 -13.00 6.50 6.71
C ALA A 3 -12.70 6.03 5.29
N THR A 4 -13.53 5.12 4.80
CA THR A 4 -13.34 4.58 3.46
C THR A 4 -13.68 5.62 2.40
N VAL A 5 -12.81 5.76 1.41
CA VAL A 5 -13.03 6.70 0.32
C VAL A 5 -14.12 6.21 -0.62
N ILE A 6 -15.17 7.01 -0.77
CA ILE A 6 -16.26 6.67 -1.69
C ILE A 6 -15.87 7.06 -3.11
N LEU A 7 -15.40 8.30 -3.27
CA LEU A 7 -14.98 8.81 -4.56
C LEU A 7 -13.66 9.57 -4.47
N GLU A 8 -12.86 9.47 -5.54
CA GLU A 8 -11.58 10.16 -5.62
C GLU A 8 -11.35 10.64 -7.05
N SER A 9 -11.17 11.94 -7.22
CA SER A 9 -10.97 12.52 -8.54
C SER A 9 -10.10 13.76 -8.50
N ILE A 10 -9.50 14.10 -9.64
CA ILE A 10 -8.76 15.34 -9.78
C ILE A 10 -9.65 16.38 -10.44
N PHE A 11 -9.91 17.47 -9.73
CA PHE A 11 -10.81 18.50 -10.20
C PHE A 11 -10.14 19.86 -10.27
N LEU A 12 -10.71 20.76 -11.05
CA LEU A 12 -10.28 22.16 -11.05
C LEU A 12 -11.15 22.95 -10.07
N LYS A 13 -10.52 23.51 -9.05
CA LYS A 13 -11.23 24.19 -7.98
C LYS A 13 -11.05 25.70 -8.04
N ARG A 14 -12.12 26.45 -7.82
CA ARG A 14 -12.06 27.91 -7.79
C ARG A 14 -11.93 28.44 -6.37
N ASN A 25 -8.74 32.50 -8.56
CA ASN A 25 -7.92 31.65 -9.41
C ASN A 25 -8.36 30.19 -9.37
N PHE A 26 -7.68 29.35 -10.15
CA PHE A 26 -8.02 27.94 -10.26
C PHE A 26 -6.82 27.04 -9.95
N LYS A 27 -7.05 26.05 -9.09
CA LYS A 27 -6.02 25.07 -8.75
C LYS A 27 -6.52 23.66 -8.99
N LYS A 28 -5.63 22.79 -9.47
CA LYS A 28 -5.94 21.38 -9.60
C LYS A 28 -5.91 20.75 -8.21
N ARG A 29 -6.97 20.04 -7.86
CA ARG A 29 -7.05 19.44 -6.53
C ARG A 29 -7.56 18.01 -6.58
N LEU A 30 -6.98 17.17 -5.72
CA LEU A 30 -7.46 15.81 -5.55
C LEU A 30 -8.59 15.80 -4.53
N PHE A 31 -9.78 15.40 -4.96
CA PHE A 31 -10.94 15.40 -4.08
C PHE A 31 -11.23 14.01 -3.52
N LEU A 32 -11.47 13.95 -2.20
CA LEU A 32 -11.83 12.70 -1.55
C LEU A 32 -13.21 12.82 -0.91
N LEU A 33 -14.05 11.82 -1.15
CA LEU A 33 -15.37 11.79 -0.53
C LEU A 33 -15.53 10.58 0.38
N THR A 34 -15.81 10.85 1.65
CA THR A 34 -16.22 9.81 2.58
C THR A 34 -17.65 10.10 3.01
N VAL A 35 -18.23 9.23 3.82
CA VAL A 35 -19.60 9.43 4.29
C VAL A 35 -19.67 10.62 5.23
N GLN A 36 -18.54 10.97 5.84
CA GLN A 36 -18.51 12.04 6.83
C GLN A 36 -17.90 13.34 6.29
N LYS A 37 -16.88 13.22 5.45
CA LYS A 37 -16.27 14.43 4.93
C LYS A 37 -15.92 14.46 3.46
N LEU A 38 -15.95 15.66 2.93
CA LEU A 38 -15.47 15.94 1.58
C LEU A 38 -14.18 16.75 1.68
N SER A 39 -13.06 16.14 1.31
CA SER A 39 -11.77 16.78 1.47
C SER A 39 -11.06 16.99 0.14
N TYR A 40 -10.22 18.01 0.09
CA TYR A 40 -9.43 18.29 -1.09
C TYR A 40 -7.98 18.51 -0.68
N TYR A 41 -7.07 17.99 -1.49
CA TYR A 41 -5.65 18.06 -1.23
C TYR A 41 -4.83 18.42 -2.45
N GLU A 42 -3.60 18.87 -2.25
CA GLU A 42 -2.68 19.09 -3.34
C GLU A 42 -2.30 17.72 -3.87
N TYR A 43 -2.14 17.58 -5.18
CA TYR A 43 -1.82 16.27 -5.73
C TYR A 43 -0.35 16.18 -6.13
N ASP A 44 0.37 15.27 -5.50
CA ASP A 44 1.77 15.04 -5.80
C ASP A 44 1.88 14.10 -6.99
N PHE A 45 2.08 14.67 -8.17
CA PHE A 45 2.06 13.92 -9.41
C PHE A 45 3.20 12.91 -9.51
N GLU A 46 4.41 13.33 -9.17
CA GLU A 46 5.60 12.48 -9.30
C GLU A 46 5.52 11.18 -8.50
N ARG A 47 4.95 11.25 -7.30
CA ARG A 47 4.86 10.08 -6.44
C ARG A 47 3.50 9.39 -6.55
N GLY A 48 2.63 9.98 -7.36
CA GLY A 48 1.31 9.41 -7.64
C GLY A 48 0.48 9.18 -6.41
N ARG A 49 0.43 10.17 -5.54
CA ARG A 49 -0.35 10.11 -4.30
C ARG A 49 -0.70 11.49 -3.78
N ARG A 50 -1.58 11.55 -2.79
CA ARG A 50 -2.06 12.81 -2.24
C ARG A 50 -0.96 13.59 -1.52
N GLY A 51 -1.03 14.91 -1.61
CA GLY A 51 -0.09 15.80 -0.96
C GLY A 51 -0.69 16.36 0.30
N SER A 52 -0.35 17.61 0.62
CA SER A 52 -0.82 18.23 1.86
C SER A 52 -2.30 18.56 1.78
N LYS A 53 -3.00 18.38 2.90
CA LYS A 53 -4.43 18.65 2.96
C LYS A 53 -4.70 20.14 2.88
N LYS A 54 -5.70 20.52 2.10
CA LYS A 54 -5.99 21.93 1.88
C LYS A 54 -7.38 22.35 2.34
N GLY A 55 -8.29 21.38 2.48
CA GLY A 55 -9.63 21.68 2.93
C GLY A 55 -10.50 20.47 3.16
N SER A 56 -11.55 20.64 3.97
CA SER A 56 -12.49 19.58 4.25
C SER A 56 -13.86 20.14 4.62
N ILE A 57 -14.91 19.51 4.11
CA ILE A 57 -16.28 19.93 4.40
C ILE A 57 -17.08 18.80 5.03
N ASP A 58 -17.69 19.07 6.18
CA ASP A 58 -18.61 18.12 6.80
C ASP A 58 -19.79 17.86 5.87
N VAL A 59 -20.04 16.59 5.57
CA VAL A 59 -21.11 16.20 4.66
C VAL A 59 -22.46 16.68 5.17
N GLU A 60 -22.64 16.64 6.48
CA GLU A 60 -23.91 17.06 7.09
C GLU A 60 -24.10 18.58 7.04
N LYS A 61 -23.05 19.30 6.66
CA LYS A 61 -23.13 20.76 6.55
C LYS A 61 -23.44 21.19 5.13
N ILE A 62 -23.45 20.24 4.21
CA ILE A 62 -23.78 20.50 2.82
C ILE A 62 -25.29 20.65 2.63
N THR A 63 -25.70 21.72 1.95
CA THR A 63 -27.12 22.01 1.78
C THR A 63 -27.62 21.82 0.34
N CYS A 64 -26.70 21.78 -0.62
CA CYS A 64 -27.08 21.68 -2.02
C CYS A 64 -25.93 21.23 -2.93
N VAL A 65 -26.25 20.34 -3.87
CA VAL A 65 -25.30 19.91 -4.89
C VAL A 65 -25.97 19.86 -6.26
N GLU A 66 -25.57 20.77 -7.15
CA GLU A 66 -26.14 20.87 -8.49
C GLU A 66 -25.08 21.21 -9.53
N THR A 67 -25.45 21.16 -10.81
CA THR A 67 -24.58 21.63 -11.88
C THR A 67 -24.56 23.15 -11.90
N VAL A 68 -23.64 23.71 -12.69
CA VAL A 68 -23.55 25.15 -12.88
C VAL A 68 -23.53 25.48 -14.36
N VAL A 69 -24.22 26.53 -14.76
CA VAL A 69 -24.17 27.01 -16.13
C VAL A 69 -22.75 27.41 -16.51
N PRO A 70 -22.21 26.75 -17.56
CA PRO A 70 -20.83 26.99 -18.02
C PRO A 70 -20.58 28.45 -18.40
N GLU A 71 -19.37 28.93 -18.12
CA GLU A 71 -19.01 30.32 -18.41
C GLU A 71 -18.95 30.54 -19.92
N LYS A 72 -19.27 31.76 -20.33
CA LYS A 72 -19.49 32.07 -21.74
C LYS A 72 -18.20 32.06 -22.57
N ASN A 73 -17.13 32.61 -22.02
CA ASN A 73 -15.83 32.57 -22.68
C ASN A 73 -14.76 31.93 -21.80
N PRO A 74 -14.80 30.59 -21.70
CA PRO A 74 -13.87 29.82 -20.86
C PRO A 74 -12.48 29.72 -21.49
N PRO A 75 -11.44 30.04 -20.69
CA PRO A 75 -10.06 29.82 -21.16
C PRO A 75 -9.88 28.34 -21.52
N PRO A 76 -8.89 28.02 -22.37
CA PRO A 76 -8.75 26.67 -22.94
C PRO A 76 -8.76 25.53 -21.92
N GLU A 77 -8.32 25.78 -20.70
CA GLU A 77 -8.31 24.75 -19.66
C GLU A 77 -9.72 24.31 -19.25
N ARG A 78 -10.72 25.10 -19.64
CA ARG A 78 -12.11 24.78 -19.31
C ARG A 78 -12.98 24.72 -20.57
N GLN A 79 -12.39 24.27 -21.67
CA GLN A 79 -13.11 24.07 -22.92
C GLN A 79 -13.23 22.58 -23.21
N ILE A 80 -14.26 22.19 -23.94
CA ILE A 80 -14.43 20.80 -24.36
C ILE A 80 -13.39 20.43 -25.41
N GLU A 91 -6.83 10.41 -24.31
CA GLU A 91 -7.79 10.62 -23.23
C GLU A 91 -7.06 10.79 -21.90
N GLN A 92 -5.89 10.18 -21.80
CA GLN A 92 -5.06 10.25 -20.60
C GLN A 92 -4.63 11.67 -20.26
N ILE A 93 -4.19 12.41 -21.27
CA ILE A 93 -3.70 13.77 -21.08
C ILE A 93 -4.82 14.77 -20.84
N SER A 94 -5.87 14.70 -21.65
CA SER A 94 -6.95 15.67 -21.61
C SER A 94 -7.77 15.61 -20.32
N ILE A 95 -7.82 14.42 -19.71
CA ILE A 95 -8.63 14.22 -18.51
C ILE A 95 -7.97 14.82 -17.27
N ILE A 96 -6.74 15.31 -17.41
CA ILE A 96 -6.06 15.99 -16.31
C ILE A 96 -5.59 17.38 -16.71
N GLU A 97 -6.01 17.84 -17.88
CA GLU A 97 -5.65 19.18 -18.34
C GLU A 97 -6.89 20.03 -18.65
N ARG A 98 -7.94 19.39 -19.12
CA ARG A 98 -9.18 20.08 -19.46
C ARG A 98 -10.31 19.76 -18.49
N PHE A 99 -10.93 20.80 -17.94
CA PHE A 99 -12.01 20.64 -16.96
C PHE A 99 -13.21 21.53 -17.32
N PRO A 100 -14.02 21.09 -18.30
CA PRO A 100 -15.09 21.91 -18.87
C PRO A 100 -16.44 21.80 -18.16
N TYR A 101 -16.67 20.80 -17.33
CA TYR A 101 -17.97 20.65 -16.67
C TYR A 101 -17.93 21.00 -15.20
N PRO A 102 -18.67 22.12 -14.88
CA PRO A 102 -18.62 22.49 -13.46
C PRO A 102 -19.88 22.25 -12.69
N PHE A 103 -19.72 21.92 -11.44
CA PHE A 103 -20.86 21.76 -10.54
C PHE A 103 -20.58 22.45 -9.22
N GLN A 104 -21.62 22.61 -8.41
CA GLN A 104 -21.53 23.41 -7.19
C GLN A 104 -21.85 22.59 -5.94
N VAL A 105 -21.09 22.84 -4.88
CA VAL A 105 -21.38 22.25 -3.57
C VAL A 105 -21.59 23.38 -2.58
N VAL A 106 -22.84 23.57 -2.18
CA VAL A 106 -23.20 24.66 -1.28
C VAL A 106 -23.25 24.18 0.17
N TYR A 107 -22.52 24.88 1.03
CA TYR A 107 -22.54 24.61 2.46
C TYR A 107 -22.63 25.94 3.21
N ASP A 108 -22.48 25.88 4.53
CA ASP A 108 -22.74 27.04 5.39
C ASP A 108 -22.00 28.31 4.97
N GLU A 109 -20.74 28.18 4.56
CA GLU A 109 -19.94 29.33 4.13
C GLU A 109 -20.36 29.83 2.75
N GLY A 110 -21.06 29.00 1.99
CA GLY A 110 -21.49 29.37 0.66
C GLY A 110 -21.19 28.31 -0.38
N PRO A 111 -21.17 28.69 -1.66
CA PRO A 111 -20.96 27.74 -2.76
C PRO A 111 -19.49 27.45 -3.04
N LEU A 112 -19.16 26.17 -3.20
CA LEU A 112 -17.84 25.76 -3.67
C LEU A 112 -17.96 25.32 -5.13
N TYR A 113 -17.12 25.88 -5.99
CA TYR A 113 -17.19 25.57 -7.41
C TYR A 113 -16.07 24.63 -7.84
N VAL A 114 -16.48 23.57 -8.54
CA VAL A 114 -15.58 22.49 -8.91
C VAL A 114 -15.76 22.10 -10.38
N PHE A 115 -14.67 21.92 -11.10
CA PHE A 115 -14.73 21.60 -12.53
C PHE A 115 -14.28 20.17 -12.82
N SER A 116 -15.17 19.41 -13.43
CA SER A 116 -14.90 18.01 -13.80
C SER A 116 -14.40 17.92 -15.24
N PRO A 117 -13.50 16.97 -15.52
CA PRO A 117 -13.00 16.80 -16.89
C PRO A 117 -14.02 16.19 -17.84
N THR A 118 -14.94 15.39 -17.31
CA THR A 118 -15.97 14.76 -18.14
C THR A 118 -17.37 14.90 -17.51
N GLU A 119 -18.39 14.79 -18.34
CA GLU A 119 -19.78 14.85 -17.88
C GLU A 119 -20.12 13.61 -17.06
N GLU A 120 -19.58 12.47 -17.47
CA GLU A 120 -19.83 11.20 -16.80
C GLU A 120 -19.33 11.22 -15.36
N LEU A 121 -18.15 11.80 -15.16
CA LEU A 121 -17.56 11.89 -13.83
C LEU A 121 -18.34 12.87 -12.95
N ARG A 122 -18.84 13.93 -13.55
CA ARG A 122 -19.66 14.91 -12.83
C ARG A 122 -20.97 14.26 -12.40
N LYS A 123 -21.55 13.46 -13.27
CA LYS A 123 -22.78 12.74 -12.99
C LYS A 123 -22.58 11.79 -11.81
N ARG A 124 -21.42 11.13 -11.81
CA ARG A 124 -21.05 10.20 -10.75
C ARG A 124 -20.99 10.89 -9.38
N TRP A 125 -20.38 12.07 -9.36
CA TRP A 125 -20.20 12.82 -8.12
C TRP A 125 -21.49 13.43 -7.59
N ILE A 126 -22.29 14.01 -8.48
CA ILE A 126 -23.55 14.63 -8.08
C ILE A 126 -24.51 13.58 -7.52
N HIS A 127 -24.59 12.44 -8.17
CA HIS A 127 -25.43 11.34 -7.70
C HIS A 127 -24.98 10.85 -6.32
N GLN A 128 -23.68 10.64 -6.19
CA GLN A 128 -23.11 10.14 -4.94
C GLN A 128 -23.25 11.16 -3.80
N LEU A 129 -23.00 12.42 -4.09
CA LEU A 129 -23.12 13.48 -3.09
C LEU A 129 -24.57 13.64 -2.63
N LYS A 130 -25.51 13.57 -3.57
CA LYS A 130 -26.92 13.70 -3.24
C LYS A 130 -27.40 12.57 -2.35
N ASN A 131 -26.81 11.40 -2.52
CA ASN A 131 -27.16 10.23 -1.73
C ASN A 131 -26.79 10.39 -0.25
N VAL A 132 -25.58 10.90 0.00
CA VAL A 132 -25.05 10.98 1.36
C VAL A 132 -25.54 12.20 2.14
N ILE A 133 -26.08 13.19 1.43
CA ILE A 133 -26.59 14.40 2.09
C ILE A 133 -28.11 14.36 2.19
N ARG A 134 -28.69 13.22 1.82
CA ARG A 134 -30.14 13.05 1.78
C ARG A 134 -30.84 13.40 3.08
N TYR A 135 -30.19 13.11 4.20
CA TYR A 135 -30.80 13.31 5.52
C TYR A 135 -30.33 14.57 6.21
N ASN A 136 -29.71 15.48 5.46
CA ASN A 136 -29.32 16.76 6.03
C ASN A 136 -30.54 17.63 6.29
N SER A 137 -30.45 18.44 7.33
CA SER A 137 -31.60 19.22 7.80
C SER A 137 -31.83 20.53 7.05
N ASP A 138 -30.74 21.11 6.53
CA ASP A 138 -30.83 22.41 5.88
C ASP A 138 -30.85 22.32 4.36
N LEU A 139 -31.35 21.20 3.82
CA LEU A 139 -31.42 21.03 2.38
C LEU A 139 -32.36 22.04 1.73
N VAL A 140 -31.83 22.79 0.77
CA VAL A 140 -32.57 23.87 0.12
C VAL A 140 -33.57 23.35 -0.91
N GLN A 141 -34.48 24.23 -1.31
CA GLN A 141 -35.44 23.95 -2.37
C GLN A 141 -35.17 24.87 -3.56
N LYS A 142 -34.39 25.92 -3.32
CA LYS A 142 -34.01 26.86 -4.36
C LYS A 142 -32.48 26.96 -4.47
N TYR A 143 -31.97 27.23 -5.65
CA TYR A 143 -30.52 27.33 -5.83
C TYR A 143 -30.17 28.32 -6.94
N HIS A 144 -28.89 28.65 -7.05
CA HIS A 144 -28.40 29.54 -8.09
C HIS A 144 -27.73 28.74 -9.22
N PRO A 145 -28.35 28.74 -10.40
CA PRO A 145 -27.82 27.99 -11.54
C PRO A 145 -26.56 28.61 -12.15
N CYS A 146 -26.31 29.87 -11.81
CA CYS A 146 -25.16 30.63 -12.32
C CYS A 146 -24.18 30.98 -11.21
N PHE A 147 -22.92 31.05 -11.61
CA PHE A 147 -21.81 31.36 -10.73
C PHE A 147 -21.84 32.69 -10.01
N TRP A 148 -21.34 32.67 -8.78
CA TRP A 148 -21.12 33.87 -8.01
C TRP A 148 -19.75 34.43 -8.41
N ILE A 149 -19.72 35.67 -8.91
CA ILE A 149 -18.49 36.27 -9.40
C ILE A 149 -18.51 37.79 -9.19
N ASP A 150 -17.36 38.33 -8.78
CA ASP A 150 -17.11 39.75 -8.54
C ASP A 150 -18.19 40.45 -7.71
N GLY A 151 -18.80 39.70 -6.79
CA GLY A 151 -19.70 40.30 -5.82
C GLY A 151 -21.17 40.10 -6.11
N GLN A 152 -21.49 39.22 -7.04
CA GLN A 152 -22.89 38.95 -7.39
C GLN A 152 -23.08 37.61 -8.09
N TYR A 153 -24.32 37.13 -8.10
CA TYR A 153 -24.70 35.97 -8.91
C TYR A 153 -25.08 36.46 -10.30
N LEU A 154 -24.72 35.69 -11.32
CA LEU A 154 -25.01 36.08 -12.69
C LEU A 154 -26.45 35.72 -13.09
N CYS A 155 -27.13 34.99 -12.21
CA CYS A 155 -28.49 34.53 -12.49
C CYS A 155 -29.56 35.46 -11.90
N CYS A 156 -29.18 36.26 -10.91
CA CYS A 156 -30.17 37.11 -10.23
C CYS A 156 -29.59 38.43 -9.73
N SER A 157 -28.29 38.63 -9.95
CA SER A 157 -27.60 39.87 -9.61
C SER A 157 -27.62 40.24 -8.13
N GLN A 158 -28.00 39.30 -7.27
CA GLN A 158 -28.01 39.58 -5.83
C GLN A 158 -26.59 39.58 -5.27
N THR A 159 -26.30 40.52 -4.39
CA THR A 159 -24.94 40.77 -3.93
C THR A 159 -24.63 40.14 -2.57
N ALA A 160 -25.48 39.19 -2.15
CA ALA A 160 -25.21 38.43 -0.94
C ALA A 160 -24.79 37.01 -1.30
N LYS A 161 -23.66 36.57 -0.76
CA LYS A 161 -23.12 35.24 -1.07
C LYS A 161 -24.06 34.12 -0.61
N ASN A 162 -24.82 34.38 0.45
CA ASN A 162 -25.77 33.41 0.97
C ASN A 162 -27.22 33.79 0.67
N ALA A 163 -27.41 34.58 -0.38
CA ALA A 163 -28.75 34.96 -0.82
C ALA A 163 -29.55 33.75 -1.27
N MET A 164 -30.87 33.82 -1.11
CA MET A 164 -31.75 32.71 -1.48
C MET A 164 -31.66 32.40 -2.97
N GLY A 165 -31.78 31.12 -3.31
CA GLY A 165 -31.74 30.68 -4.68
C GLY A 165 -32.82 31.33 -5.52
N CYS A 166 -32.60 31.40 -6.84
CA CYS A 166 -33.53 32.06 -7.73
C CYS A 166 -34.32 31.07 -8.59
N GLN A 167 -34.06 29.77 -8.41
CA GLN A 167 -34.74 28.76 -9.21
C GLN A 167 -35.12 27.52 -8.41
N ILE A 168 -36.33 27.03 -8.65
CA ILE A 168 -36.87 25.85 -7.98
C ILE A 168 -36.32 24.55 -8.59
N LEU A 169 -35.96 23.60 -7.75
CA LEU A 169 -35.53 22.27 -8.21
C LEU A 169 -36.71 21.32 -8.31
N ALA B 3 7.75 16.49 -38.43
CA ALA B 3 8.06 16.85 -37.05
C ALA B 3 6.80 16.83 -36.19
N THR B 4 5.67 16.53 -36.81
CA THR B 4 4.39 16.50 -36.12
C THR B 4 4.31 15.29 -35.19
N VAL B 5 3.78 15.51 -33.98
CA VAL B 5 3.64 14.44 -33.00
C VAL B 5 2.56 13.43 -33.40
N ILE B 6 2.98 12.17 -33.52
CA ILE B 6 2.06 11.08 -33.85
C ILE B 6 1.33 10.59 -32.61
N LEU B 7 2.09 10.34 -31.54
CA LEU B 7 1.51 9.82 -30.31
C LEU B 7 2.03 10.59 -29.09
N GLU B 8 1.17 10.73 -28.09
CA GLU B 8 1.53 11.41 -26.84
C GLU B 8 0.88 10.72 -25.65
N SER B 9 1.71 10.25 -24.72
CA SER B 9 1.20 9.54 -23.54
C SER B 9 2.09 9.72 -22.32
N ILE B 10 1.50 9.49 -21.15
CA ILE B 10 2.27 9.46 -19.90
C ILE B 10 2.57 8.02 -19.53
N PHE B 11 3.85 7.69 -19.47
CA PHE B 11 4.29 6.33 -19.20
C PHE B 11 5.17 6.26 -17.96
N LEU B 12 5.29 5.07 -17.38
CA LEU B 12 6.25 4.84 -16.32
C LEU B 12 7.53 4.28 -16.95
N LYS B 13 8.61 5.00 -16.77
CA LYS B 13 9.89 4.65 -17.34
C LYS B 13 10.94 4.16 -16.37
N ARG B 14 11.65 3.12 -16.75
CA ARG B 14 12.71 2.54 -15.95
C ARG B 14 14.01 3.17 -16.39
N SER B 15 14.86 3.51 -15.44
CA SER B 15 16.13 4.18 -15.73
C SER B 15 17.17 3.30 -16.37
N GLN B 16 18.17 3.94 -16.98
CA GLN B 16 19.26 3.20 -17.63
C GLN B 16 20.60 3.56 -17.03
N LEU B 24 18.66 2.39 -9.99
CA LEU B 24 17.52 1.91 -10.76
C LEU B 24 16.22 2.31 -10.09
N ASN B 25 15.47 3.19 -10.75
CA ASN B 25 14.16 3.62 -10.27
C ASN B 25 13.17 3.82 -11.40
N PHE B 26 11.95 4.21 -11.06
CA PHE B 26 10.90 4.40 -12.05
C PHE B 26 10.36 5.81 -11.96
N LYS B 27 10.32 6.49 -13.10
CA LYS B 27 9.77 7.84 -13.17
C LYS B 27 8.72 7.96 -14.25
N LYS B 28 7.67 8.72 -13.98
CA LYS B 28 6.66 9.02 -14.99
C LYS B 28 7.18 10.08 -15.94
N ARG B 29 7.05 9.81 -17.24
CA ARG B 29 7.54 10.70 -18.27
C ARG B 29 6.50 10.87 -19.37
N LEU B 30 6.44 12.07 -19.94
CA LEU B 30 5.57 12.31 -21.08
C LEU B 30 6.31 11.90 -22.35
N PHE B 31 5.77 10.90 -23.04
CA PHE B 31 6.42 10.39 -24.23
C PHE B 31 5.82 10.96 -25.50
N LEU B 32 6.70 11.38 -26.41
CA LEU B 32 6.28 11.91 -27.70
C LEU B 32 6.87 11.09 -28.84
N LEU B 33 6.03 10.70 -29.79
CA LEU B 33 6.50 10.00 -30.97
C LEU B 33 6.23 10.81 -32.23
N THR B 34 7.29 11.14 -32.95
CA THR B 34 7.18 11.73 -34.28
C THR B 34 7.73 10.75 -35.30
N VAL B 35 7.67 11.11 -36.58
CA VAL B 35 8.18 10.24 -37.63
C VAL B 35 9.69 10.08 -37.51
N GLN B 36 10.34 11.04 -36.87
CA GLN B 36 11.80 11.05 -36.74
C GLN B 36 12.30 10.69 -35.34
N LYS B 37 11.65 11.17 -34.31
CA LYS B 37 12.18 10.85 -33.00
C LYS B 37 11.21 10.52 -31.89
N LEU B 38 11.68 9.62 -31.02
CA LEU B 38 10.95 9.21 -29.84
C LEU B 38 11.53 9.95 -28.64
N SER B 39 10.77 10.90 -28.09
CA SER B 39 11.24 11.69 -26.95
C SER B 39 10.29 11.77 -25.75
N TYR B 40 10.89 11.75 -24.58
CA TYR B 40 10.20 11.83 -23.32
C TYR B 40 10.69 13.02 -22.51
N TYR B 41 9.78 13.58 -21.73
CA TYR B 41 10.06 14.76 -20.91
C TYR B 41 9.42 14.71 -19.54
N GLU B 42 9.89 15.56 -18.64
CA GLU B 42 9.24 15.70 -17.35
C GLU B 42 7.89 16.37 -17.56
N TYR B 43 6.88 15.94 -16.83
CA TYR B 43 5.55 16.50 -16.97
C TYR B 43 5.25 17.51 -15.88
N ASP B 44 5.00 18.75 -16.28
CA ASP B 44 4.66 19.80 -15.34
C ASP B 44 3.17 19.76 -15.06
N PHE B 45 2.79 19.09 -13.97
CA PHE B 45 1.40 18.89 -13.62
C PHE B 45 0.73 20.19 -13.21
N GLU B 46 1.44 20.98 -12.41
CA GLU B 46 0.90 22.21 -11.84
C GLU B 46 0.40 23.16 -12.92
N ARG B 47 1.16 23.27 -14.01
CA ARG B 47 0.78 24.14 -15.12
C ARG B 47 0.15 23.34 -16.26
N GLY B 48 0.08 22.02 -16.07
CA GLY B 48 -0.56 21.12 -17.02
C GLY B 48 0.01 21.15 -18.43
N ARG B 49 1.33 21.04 -18.56
CA ARG B 49 1.96 21.08 -19.87
C ARG B 49 3.30 20.34 -19.87
N ARG B 50 3.86 20.14 -21.05
CA ARG B 50 5.11 19.42 -21.19
C ARG B 50 6.25 20.21 -20.54
N GLY B 51 7.17 19.49 -19.88
CA GLY B 51 8.30 20.12 -19.22
C GLY B 51 9.62 20.00 -19.96
N SER B 52 10.70 19.91 -19.19
CA SER B 52 12.05 19.86 -19.73
C SER B 52 12.34 18.51 -20.37
N LYS B 53 13.10 18.54 -21.47
CA LYS B 53 13.47 17.33 -22.20
C LYS B 53 14.45 16.47 -21.41
N LYS B 54 14.22 15.17 -21.41
CA LYS B 54 15.05 14.24 -20.63
C LYS B 54 15.75 13.23 -21.52
N GLY B 55 15.22 13.01 -22.71
CA GLY B 55 15.82 12.07 -23.64
C GLY B 55 15.14 12.04 -25.00
N SER B 56 15.87 11.57 -25.99
CA SER B 56 15.34 11.45 -27.35
C SER B 56 16.07 10.36 -28.10
N ILE B 57 15.33 9.55 -28.84
CA ILE B 57 15.92 8.46 -29.59
C ILE B 57 15.62 8.58 -31.08
N ASP B 58 16.66 8.52 -31.91
CA ASP B 58 16.48 8.45 -33.35
C ASP B 58 15.67 7.20 -33.68
N VAL B 59 14.55 7.39 -34.37
CA VAL B 59 13.68 6.28 -34.74
C VAL B 59 14.42 5.27 -35.59
N GLU B 60 15.32 5.76 -36.44
CA GLU B 60 16.07 4.90 -37.36
C GLU B 60 17.14 4.06 -36.65
N LYS B 61 17.42 4.35 -35.39
CA LYS B 61 18.36 3.55 -34.62
C LYS B 61 17.67 2.49 -33.76
N ILE B 62 16.34 2.50 -33.76
CA ILE B 62 15.60 1.50 -33.00
C ILE B 62 15.64 0.18 -33.75
N THR B 63 15.98 -0.88 -33.04
CA THR B 63 16.18 -2.18 -33.67
C THR B 63 15.10 -3.18 -33.30
N CYS B 64 14.34 -2.89 -32.25
CA CYS B 64 13.31 -3.81 -31.77
C CYS B 64 12.29 -3.13 -30.86
N VAL B 65 11.03 -3.47 -31.08
CA VAL B 65 9.95 -3.01 -30.20
C VAL B 65 9.03 -4.19 -29.92
N GLU B 66 9.04 -4.65 -28.68
CA GLU B 66 8.22 -5.80 -28.30
C GLU B 66 7.66 -5.63 -26.90
N THR B 67 6.76 -6.52 -26.50
CA THR B 67 6.28 -6.56 -25.13
C THR B 67 7.35 -7.18 -24.24
N VAL B 68 7.15 -7.09 -22.93
CA VAL B 68 8.07 -7.69 -21.97
C VAL B 68 7.29 -8.56 -21.00
N VAL B 69 7.87 -9.70 -20.62
CA VAL B 69 7.26 -10.55 -19.60
C VAL B 69 7.13 -9.76 -18.32
N PRO B 70 5.89 -9.62 -17.82
CA PRO B 70 5.59 -8.84 -16.61
C PRO B 70 6.36 -9.35 -15.39
N GLU B 71 6.78 -8.43 -14.53
CA GLU B 71 7.54 -8.80 -13.34
C GLU B 71 6.66 -9.59 -12.37
N LYS B 72 7.28 -10.51 -11.65
CA LYS B 72 6.55 -11.50 -10.86
C LYS B 72 5.87 -10.91 -9.63
N ASN B 73 6.55 -10.01 -8.94
CA ASN B 73 5.97 -9.33 -7.79
C ASN B 73 5.98 -7.81 -7.94
N PRO B 74 5.08 -7.29 -8.78
CA PRO B 74 5.00 -5.86 -9.07
C PRO B 74 4.42 -5.05 -7.92
N PRO B 75 5.11 -3.98 -7.51
CA PRO B 75 4.58 -3.04 -6.52
C PRO B 75 3.25 -2.44 -7.02
N PRO B 76 2.41 -1.95 -6.10
CA PRO B 76 1.05 -1.48 -6.45
C PRO B 76 1.04 -0.46 -7.58
N GLU B 77 2.11 0.32 -7.71
CA GLU B 77 2.21 1.32 -8.76
C GLU B 77 2.26 0.68 -10.16
N ARG B 78 2.53 -0.62 -10.21
CA ARG B 78 2.54 -1.33 -11.48
C ARG B 78 1.62 -2.55 -11.44
N GLN B 79 0.58 -2.48 -10.61
CA GLN B 79 -0.43 -3.52 -10.56
C GLN B 79 -1.80 -3.02 -11.00
N ILE B 80 -2.62 -3.94 -11.51
CA ILE B 80 -4.00 -3.64 -11.80
C ILE B 80 -4.74 -3.49 -10.47
N PRO B 81 -5.72 -2.58 -10.42
CA PRO B 81 -6.44 -2.38 -9.16
C PRO B 81 -7.68 -3.25 -9.05
N GLU B 85 -9.89 -1.50 -6.86
CA GLU B 85 -10.55 -0.40 -6.19
C GLU B 85 -11.06 0.68 -7.15
N GLU B 86 -11.35 0.27 -8.38
CA GLU B 86 -11.78 1.16 -9.46
C GLU B 86 -13.04 1.99 -9.23
N SER B 87 -14.04 1.43 -8.56
CA SER B 87 -15.28 2.18 -8.33
C SER B 87 -14.99 3.45 -7.53
N SER B 88 -14.10 3.33 -6.56
CA SER B 88 -13.71 4.44 -5.73
C SER B 88 -12.69 5.39 -6.36
N GLU B 89 -11.64 4.82 -6.93
CA GLU B 89 -10.56 5.58 -7.58
C GLU B 89 -10.91 6.27 -8.90
N THR B 90 -11.64 5.55 -9.74
CA THR B 90 -12.05 6.04 -11.05
C THR B 90 -10.94 5.81 -12.06
N GLU B 91 -11.29 5.90 -13.33
CA GLU B 91 -10.31 5.73 -14.40
C GLU B 91 -9.26 6.83 -14.44
N GLN B 92 -9.68 8.05 -14.12
CA GLN B 92 -8.80 9.19 -14.18
C GLN B 92 -7.57 9.07 -13.33
N ILE B 93 -7.69 8.56 -12.13
CA ILE B 93 -6.56 8.42 -11.22
C ILE B 93 -5.68 7.23 -11.58
N SER B 94 -6.31 6.08 -11.85
CA SER B 94 -5.56 4.85 -12.09
C SER B 94 -4.76 4.91 -13.39
N ILE B 95 -5.24 5.69 -14.36
CA ILE B 95 -4.57 5.77 -15.65
C ILE B 95 -3.33 6.66 -15.58
N ILE B 96 -3.12 7.31 -14.44
CA ILE B 96 -1.92 8.10 -14.23
C ILE B 96 -1.18 7.68 -12.96
N GLU B 97 -1.64 6.59 -12.34
CA GLU B 97 -0.98 6.06 -11.16
C GLU B 97 -0.57 4.59 -11.34
N ARG B 98 -1.34 3.86 -12.14
CA ARG B 98 -1.07 2.44 -12.35
C ARG B 98 -0.52 2.19 -13.76
N PHE B 99 0.63 1.52 -13.83
CA PHE B 99 1.27 1.23 -15.10
C PHE B 99 1.74 -0.23 -15.16
N PRO B 100 0.80 -1.16 -15.40
CA PRO B 100 1.05 -2.60 -15.29
C PRO B 100 1.56 -3.27 -16.57
N TYR B 101 1.47 -2.60 -17.71
CA TYR B 101 1.78 -3.24 -18.99
C TYR B 101 3.09 -2.74 -19.60
N PRO B 102 4.15 -3.49 -19.48
CA PRO B 102 5.44 -3.05 -19.99
C PRO B 102 5.88 -3.53 -21.35
N PHE B 103 6.54 -2.66 -22.09
CA PHE B 103 7.11 -3.04 -23.37
C PHE B 103 8.51 -2.45 -23.49
N GLN B 104 9.27 -2.92 -24.48
CA GLN B 104 10.68 -2.56 -24.60
C GLN B 104 10.99 -1.89 -25.92
N VAL B 105 11.86 -0.88 -25.87
CA VAL B 105 12.35 -0.23 -27.08
C VAL B 105 13.87 -0.37 -27.12
N VAL B 106 14.36 -1.22 -28.01
CA VAL B 106 15.78 -1.52 -28.09
C VAL B 106 16.50 -0.69 -29.14
N TYR B 107 17.56 -0.01 -28.70
CA TYR B 107 18.44 0.72 -29.58
C TYR B 107 19.88 0.46 -29.17
N ASP B 108 20.84 1.16 -29.78
CA ASP B 108 22.25 0.88 -29.59
C ASP B 108 22.72 0.87 -28.12
N GLU B 109 22.20 1.80 -27.32
CA GLU B 109 22.59 1.89 -25.92
C GLU B 109 21.99 0.75 -25.09
N GLY B 110 20.98 0.09 -25.64
CA GLY B 110 20.35 -1.02 -24.96
C GLY B 110 18.83 -0.94 -24.95
N PRO B 111 18.19 -1.70 -24.05
CA PRO B 111 16.73 -1.71 -23.98
C PRO B 111 16.17 -0.58 -23.12
N LEU B 112 15.15 0.10 -23.61
CA LEU B 112 14.42 1.06 -22.81
C LEU B 112 13.12 0.41 -22.38
N TYR B 113 12.86 0.41 -21.07
CA TYR B 113 11.66 -0.22 -20.55
C TYR B 113 10.63 0.82 -20.20
N VAL B 114 9.42 0.62 -20.70
CA VAL B 114 8.34 1.59 -20.56
C VAL B 114 7.08 0.87 -20.13
N PHE B 115 6.38 1.44 -19.15
CA PHE B 115 5.19 0.80 -18.61
C PHE B 115 3.93 1.58 -18.97
N SER B 116 3.00 0.92 -19.64
CA SER B 116 1.75 1.54 -20.07
C SER B 116 0.65 1.30 -19.04
N PRO B 117 -0.26 2.27 -18.89
CA PRO B 117 -1.37 2.13 -17.93
C PRO B 117 -2.44 1.15 -18.41
N THR B 118 -2.59 1.01 -19.72
CA THR B 118 -3.58 0.10 -20.28
C THR B 118 -3.00 -0.77 -21.39
N GLU B 119 -3.67 -1.89 -21.63
CA GLU B 119 -3.27 -2.81 -22.70
C GLU B 119 -3.49 -2.18 -24.07
N GLU B 120 -4.58 -1.43 -24.21
CA GLU B 120 -4.93 -0.77 -25.45
C GLU B 120 -3.88 0.26 -25.87
N LEU B 121 -3.38 1.01 -24.89
CA LEU B 121 -2.39 2.05 -25.16
C LEU B 121 -1.04 1.46 -25.54
N ARG B 122 -0.67 0.34 -24.92
CA ARG B 122 0.57 -0.34 -25.26
C ARG B 122 0.51 -0.90 -26.68
N LYS B 123 -0.63 -1.48 -27.02
CA LYS B 123 -0.87 -2.03 -28.35
C LYS B 123 -0.77 -0.93 -29.40
N ARG B 124 -1.35 0.21 -29.08
CA ARG B 124 -1.35 1.37 -29.96
C ARG B 124 0.07 1.88 -30.23
N TRP B 125 0.88 1.96 -29.18
CA TRP B 125 2.24 2.47 -29.29
C TRP B 125 3.18 1.51 -30.00
N ILE B 126 3.08 0.23 -29.69
CA ILE B 126 3.92 -0.79 -30.32
C ILE B 126 3.66 -0.87 -31.81
N HIS B 127 2.39 -0.80 -32.19
CA HIS B 127 2.00 -0.84 -33.60
C HIS B 127 2.59 0.33 -34.38
N GLN B 128 2.45 1.54 -33.85
CA GLN B 128 3.00 2.73 -34.50
C GLN B 128 4.52 2.71 -34.56
N LEU B 129 5.15 2.26 -33.46
CA LEU B 129 6.60 2.17 -33.40
C LEU B 129 7.12 1.20 -34.46
N LYS B 130 6.42 0.08 -34.63
CA LYS B 130 6.80 -0.92 -35.63
C LYS B 130 6.65 -0.37 -37.04
N ASN B 131 5.67 0.52 -37.23
CA ASN B 131 5.42 1.12 -38.53
C ASN B 131 6.57 2.04 -38.97
N VAL B 132 7.07 2.84 -38.04
CA VAL B 132 8.08 3.85 -38.38
C VAL B 132 9.50 3.28 -38.45
N ILE B 133 9.72 2.11 -37.89
CA ILE B 133 11.04 1.49 -37.92
C ILE B 133 11.15 0.36 -38.95
N ARG B 134 10.08 0.16 -39.72
CA ARG B 134 10.00 -0.94 -40.68
C ARG B 134 11.18 -0.99 -41.66
N TYR B 135 11.70 0.17 -42.05
CA TYR B 135 12.78 0.21 -43.04
C TYR B 135 14.15 0.38 -42.42
N ASN B 136 14.27 0.16 -41.12
CA ASN B 136 15.57 0.22 -40.46
C ASN B 136 16.43 -0.97 -40.85
N SER B 137 17.75 -0.74 -40.92
CA SER B 137 18.68 -1.74 -41.40
C SER B 137 19.09 -2.73 -40.32
N ASP B 138 19.05 -2.29 -39.07
CA ASP B 138 19.54 -3.09 -37.96
C ASP B 138 18.43 -3.82 -37.20
N LEU B 139 17.32 -4.08 -37.86
CA LEU B 139 16.21 -4.79 -37.22
C LEU B 139 16.61 -6.22 -36.86
N VAL B 140 16.46 -6.55 -35.58
CA VAL B 140 16.88 -7.85 -35.08
C VAL B 140 15.89 -8.94 -35.46
N GLN B 141 16.32 -10.20 -35.33
CA GLN B 141 15.46 -11.35 -35.56
C GLN B 141 15.23 -12.08 -34.25
N LYS B 142 16.09 -11.79 -33.27
CA LYS B 142 15.98 -12.36 -31.93
C LYS B 142 15.90 -11.26 -30.89
N TYR B 143 15.22 -11.53 -29.79
CA TYR B 143 15.05 -10.53 -28.73
C TYR B 143 14.97 -11.16 -27.35
N HIS B 144 15.04 -10.32 -26.32
CA HIS B 144 14.94 -10.78 -24.94
C HIS B 144 13.54 -10.51 -24.40
N PRO B 145 12.77 -11.58 -24.16
CA PRO B 145 11.40 -11.45 -23.65
C PRO B 145 11.35 -10.99 -22.20
N CYS B 146 12.49 -11.13 -21.50
CA CYS B 146 12.60 -10.79 -20.10
C CYS B 146 13.52 -9.60 -19.84
N PHE B 147 13.19 -8.86 -18.80
CA PHE B 147 13.91 -7.67 -18.40
C PHE B 147 15.37 -7.88 -18.04
N TRP B 148 16.18 -6.88 -18.35
CA TRP B 148 17.56 -6.82 -17.92
C TRP B 148 17.57 -6.25 -16.51
N ILE B 149 18.10 -7.00 -15.57
CA ILE B 149 18.08 -6.56 -14.18
C ILE B 149 19.29 -7.07 -13.42
N ASP B 150 19.87 -6.20 -12.60
CA ASP B 150 21.04 -6.54 -11.79
C ASP B 150 22.19 -7.20 -12.54
N GLY B 151 22.35 -6.85 -13.81
CA GLY B 151 23.51 -7.28 -14.56
C GLY B 151 23.31 -8.44 -15.52
N GLN B 152 22.06 -8.84 -15.75
CA GLN B 152 21.77 -9.95 -16.64
C GLN B 152 20.32 -9.95 -17.13
N TYR B 153 20.06 -10.70 -18.20
CA TYR B 153 18.70 -10.94 -18.65
C TYR B 153 18.12 -12.14 -17.91
N LEU B 154 16.84 -12.07 -17.57
CA LEU B 154 16.19 -13.15 -16.83
C LEU B 154 15.75 -14.30 -17.73
N CYS B 155 15.87 -14.10 -19.03
CA CYS B 155 15.43 -15.09 -20.00
C CYS B 155 16.56 -16.01 -20.47
N CYS B 156 17.80 -15.56 -20.28
CA CYS B 156 18.95 -16.30 -20.78
C CYS B 156 20.20 -16.16 -19.91
N SER B 157 20.09 -15.37 -18.84
CA SER B 157 21.16 -15.19 -17.88
C SER B 157 22.44 -14.59 -18.48
N GLN B 158 22.33 -14.02 -19.68
CA GLN B 158 23.47 -13.41 -20.34
C GLN B 158 23.79 -12.06 -19.70
N THR B 159 25.08 -11.79 -19.49
CA THR B 159 25.50 -10.62 -18.73
C THR B 159 25.95 -9.46 -19.60
N ALA B 160 25.60 -9.52 -20.88
CA ALA B 160 25.86 -8.40 -21.79
C ALA B 160 24.56 -7.67 -22.13
N LYS B 161 24.56 -6.36 -21.92
CA LYS B 161 23.37 -5.55 -22.14
C LYS B 161 22.93 -5.57 -23.60
N ASN B 162 23.90 -5.71 -24.51
CA ASN B 162 23.62 -5.75 -25.94
C ASN B 162 23.80 -7.15 -26.53
N ALA B 163 23.71 -8.16 -25.68
CA ALA B 163 23.80 -9.55 -26.11
C ALA B 163 22.64 -9.93 -27.03
N MET B 164 22.89 -10.86 -27.94
CA MET B 164 21.88 -11.29 -28.89
C MET B 164 20.67 -11.92 -28.18
N GLY B 165 19.49 -11.71 -28.75
CA GLY B 165 18.27 -12.24 -28.19
C GLY B 165 18.27 -13.76 -28.08
N CYS B 166 17.45 -14.26 -27.16
CA CYS B 166 17.37 -15.68 -26.86
C CYS B 166 16.10 -16.30 -27.42
N GLN B 167 15.30 -15.48 -28.09
CA GLN B 167 14.01 -15.91 -28.61
C GLN B 167 13.76 -15.35 -30.00
N ILE B 168 13.20 -16.20 -30.86
CA ILE B 168 12.93 -15.82 -32.25
C ILE B 168 11.71 -14.91 -32.30
N LEU B 169 11.81 -13.89 -33.16
CA LEU B 169 10.75 -12.90 -33.42
C LEU B 169 10.68 -11.87 -32.30
N ALA C 3 2.70 16.14 14.31
CA ALA C 3 2.06 15.06 13.56
C ALA C 3 2.82 13.75 13.73
N THR C 4 3.91 13.79 14.50
CA THR C 4 4.74 12.60 14.72
C THR C 4 4.03 11.60 15.63
N VAL C 5 4.16 10.33 15.26
CA VAL C 5 3.57 9.22 16.01
C VAL C 5 4.24 8.98 17.36
N ILE C 6 3.45 9.02 18.42
CA ILE C 6 3.95 8.75 19.77
C ILE C 6 4.06 7.24 19.99
N LEU C 7 3.01 6.51 19.64
CA LEU C 7 2.98 5.07 19.82
C LEU C 7 2.48 4.35 18.59
N GLU C 8 3.03 3.16 18.33
CA GLU C 8 2.63 2.35 17.19
C GLU C 8 2.62 0.88 17.57
N SER C 9 1.46 0.25 17.45
CA SER C 9 1.30 -1.14 17.82
C SER C 9 0.23 -1.84 17.00
N ILE C 10 0.31 -3.17 16.93
CA ILE C 10 -0.73 -3.96 16.30
C ILE C 10 -1.67 -4.50 17.37
N PHE C 11 -2.93 -4.12 17.29
CA PHE C 11 -3.92 -4.50 18.29
C PHE C 11 -5.10 -5.23 17.65
N LEU C 12 -5.84 -5.97 18.46
CA LEU C 12 -7.10 -6.57 18.02
C LEU C 12 -8.26 -5.64 18.35
N LYS C 13 -8.95 -5.17 17.33
CA LYS C 13 -10.05 -4.22 17.48
C LYS C 13 -11.40 -4.86 17.39
N ARG C 14 -12.30 -4.38 18.22
CA ARG C 14 -13.63 -4.87 18.21
C ARG C 14 -14.55 -3.72 17.95
N SER C 15 -15.68 -4.05 17.38
CA SER C 15 -16.71 -3.07 17.03
C SER C 15 -16.19 -1.66 16.75
N SER C 22 -26.76 -6.45 15.67
CA SER C 22 -25.64 -6.17 14.77
C SER C 22 -24.61 -7.28 14.80
N PRO C 23 -23.51 -7.12 13.96
CA PRO C 23 -22.54 -8.21 14.02
C PRO C 23 -21.26 -7.78 14.76
N LEU C 24 -20.86 -8.57 15.74
CA LEU C 24 -19.66 -8.27 16.52
C LEU C 24 -18.50 -9.16 16.11
N ASN C 25 -17.43 -8.54 15.61
CA ASN C 25 -16.25 -9.28 15.18
C ASN C 25 -14.95 -8.60 15.62
N PHE C 26 -13.83 -9.27 15.34
CA PHE C 26 -12.52 -8.77 15.75
C PHE C 26 -11.56 -8.74 14.56
N LYS C 27 -10.90 -7.59 14.37
CA LYS C 27 -9.91 -7.47 13.29
C LYS C 27 -8.58 -6.94 13.81
N LYS C 28 -7.48 -7.43 13.23
CA LYS C 28 -6.16 -6.91 13.55
C LYS C 28 -5.95 -5.55 12.89
N ARG C 29 -5.53 -4.57 13.67
CA ARG C 29 -5.31 -3.22 13.16
C ARG C 29 -4.03 -2.61 13.69
N LEU C 30 -3.36 -1.83 12.84
CA LEU C 30 -2.19 -1.07 13.26
C LEU C 30 -2.64 0.25 13.87
N PHE C 31 -2.35 0.45 15.16
CA PHE C 31 -2.78 1.66 15.85
C PHE C 31 -1.66 2.69 15.94
N LEU C 32 -2.01 3.94 15.64
CA LEU C 32 -1.09 5.07 15.74
C LEU C 32 -1.61 6.12 16.71
N LEU C 33 -0.74 6.57 17.62
CA LEU C 33 -1.10 7.63 18.53
C LEU C 33 -0.23 8.86 18.34
N THR C 34 -0.85 9.99 18.02
CA THR C 34 -0.18 11.27 18.03
C THR C 34 -0.82 12.15 19.10
N VAL C 35 -0.28 13.35 19.29
CA VAL C 35 -0.83 14.27 20.28
C VAL C 35 -2.23 14.73 19.87
N GLN C 36 -2.52 14.63 18.57
CA GLN C 36 -3.78 15.09 18.02
C GLN C 36 -4.75 13.97 17.70
N LYS C 37 -4.23 12.86 17.18
CA LYS C 37 -5.10 11.77 16.79
C LYS C 37 -4.59 10.36 17.04
N LEU C 38 -5.54 9.43 17.06
CA LEU C 38 -5.26 8.02 17.19
C LEU C 38 -5.84 7.46 15.89
N SER C 39 -5.04 6.97 14.99
CA SER C 39 -5.65 6.41 13.83
C SER C 39 -5.34 4.95 13.81
N TYR C 40 -6.17 4.20 13.12
CA TYR C 40 -5.92 2.80 12.98
C TYR C 40 -6.06 2.50 11.51
N TYR C 41 -5.23 1.58 11.07
CA TYR C 41 -5.16 1.14 9.70
C TYR C 41 -5.00 -0.34 9.50
N GLU C 42 -5.33 -0.80 8.30
CA GLU C 42 -5.02 -2.17 7.92
C GLU C 42 -3.52 -2.33 7.86
N TYR C 43 -3.03 -3.53 8.18
CA TYR C 43 -1.60 -3.80 8.07
C TYR C 43 -1.31 -4.72 6.90
N ASP C 44 -0.53 -4.22 5.95
CA ASP C 44 -0.14 -5.02 4.79
C ASP C 44 1.09 -5.85 5.13
N PHE C 45 0.87 -7.11 5.50
CA PHE C 45 1.96 -7.97 5.93
C PHE C 45 2.88 -8.30 4.75
N GLU C 46 2.28 -8.54 3.59
CA GLU C 46 3.02 -8.95 2.40
C GLU C 46 4.17 -8.01 2.05
N ARG C 47 3.94 -6.71 2.20
CA ARG C 47 4.97 -5.72 1.88
C ARG C 47 5.56 -5.08 3.13
N GLY C 48 5.07 -5.48 4.29
CA GLY C 48 5.60 -4.99 5.56
C GLY C 48 5.54 -3.49 5.75
N ARG C 49 4.35 -2.91 5.56
CA ARG C 49 4.17 -1.47 5.71
C ARG C 49 2.71 -1.19 6.10
N ARG C 50 2.44 0.05 6.51
CA ARG C 50 1.10 0.44 6.89
C ARG C 50 0.19 0.46 5.67
N GLY C 51 -1.06 0.04 5.86
CA GLY C 51 -2.02 0.01 4.77
C GLY C 51 -3.05 1.14 4.78
N SER C 52 -4.25 0.83 4.31
CA SER C 52 -5.32 1.82 4.18
C SER C 52 -5.91 2.20 5.53
N LYS C 53 -6.24 3.47 5.68
CA LYS C 53 -6.80 4.00 6.92
C LYS C 53 -8.23 3.51 7.14
N LYS C 54 -8.55 3.14 8.38
CA LYS C 54 -9.86 2.58 8.70
C LYS C 54 -10.63 3.43 9.71
N GLY C 55 -9.92 4.26 10.45
CA GLY C 55 -10.57 5.11 11.44
C GLY C 55 -9.63 6.10 12.11
N SER C 56 -10.21 7.16 12.67
CA SER C 56 -9.43 8.16 13.38
C SER C 56 -10.29 8.85 14.43
N ILE C 57 -9.71 9.06 15.61
CA ILE C 57 -10.40 9.70 16.71
C ILE C 57 -9.67 10.94 17.20
N ASP C 58 -10.38 12.06 17.27
CA ASP C 58 -9.83 13.26 17.89
C ASP C 58 -9.51 12.97 19.35
N VAL C 59 -8.26 13.18 19.74
CA VAL C 59 -7.82 12.91 21.11
C VAL C 59 -8.62 13.74 22.11
N GLU C 60 -8.93 14.96 21.73
CA GLU C 60 -9.65 15.89 22.59
C GLU C 60 -11.13 15.51 22.73
N LYS C 61 -11.57 14.54 21.93
CA LYS C 61 -12.95 14.07 22.00
C LYS C 61 -13.09 12.83 22.88
N ILE C 62 -11.95 12.33 23.35
CA ILE C 62 -11.93 11.17 24.23
C ILE C 62 -12.32 11.57 25.66
N THR C 63 -13.22 10.80 26.27
CA THR C 63 -13.75 11.13 27.58
C THR C 63 -13.27 10.17 28.66
N CYS C 64 -12.76 9.00 28.26
CA CYS C 64 -12.34 8.00 29.21
C CYS C 64 -11.43 6.93 28.60
N VAL C 65 -10.38 6.57 29.32
CA VAL C 65 -9.51 5.47 28.92
C VAL C 65 -9.19 4.58 30.11
N GLU C 66 -9.74 3.37 30.10
CA GLU C 66 -9.54 2.41 31.18
C GLU C 66 -9.45 0.97 30.67
N THR C 67 -9.10 0.06 31.57
CA THR C 67 -9.14 -1.36 31.24
C THR C 67 -10.58 -1.86 31.21
N VAL C 68 -10.76 -3.09 30.72
CA VAL C 68 -12.08 -3.71 30.68
C VAL C 68 -11.98 -5.08 31.33
N VAL C 69 -13.02 -5.46 32.07
CA VAL C 69 -13.08 -6.79 32.66
C VAL C 69 -13.01 -7.85 31.57
N PRO C 70 -12.02 -8.71 31.61
CA PRO C 70 -11.86 -9.74 30.61
C PRO C 70 -12.99 -10.73 30.55
N GLU C 71 -13.31 -11.15 29.33
CA GLU C 71 -14.38 -12.08 29.10
C GLU C 71 -14.02 -13.40 29.72
N LYS C 72 -15.07 -14.11 30.16
CA LYS C 72 -15.00 -15.40 30.85
C LYS C 72 -14.43 -16.60 30.09
N ASN C 73 -14.86 -16.82 28.86
CA ASN C 73 -14.40 -17.96 28.06
C ASN C 73 -14.03 -17.49 26.71
N PRO C 74 -12.89 -16.84 26.64
CA PRO C 74 -12.36 -16.27 25.41
C PRO C 74 -11.77 -17.21 24.40
N PRO C 75 -11.94 -16.82 23.09
CA PRO C 75 -11.33 -17.70 22.09
C PRO C 75 -9.81 -17.64 22.20
N PRO C 76 -9.15 -18.64 21.65
CA PRO C 76 -7.69 -18.77 21.77
C PRO C 76 -6.97 -17.49 21.35
N GLU C 77 -7.54 -16.78 20.38
CA GLU C 77 -6.95 -15.56 19.85
C GLU C 77 -6.86 -14.46 20.92
N ARG C 78 -7.61 -14.63 22.00
CA ARG C 78 -7.55 -13.67 23.10
C ARG C 78 -7.25 -14.38 24.42
N GLN C 79 -6.53 -15.50 24.32
CA GLN C 79 -6.14 -16.28 25.49
C GLN C 79 -4.63 -16.48 25.51
N ILE C 80 -4.01 -16.27 26.67
CA ILE C 80 -2.57 -16.45 26.80
C ILE C 80 -2.26 -17.91 26.52
N PRO C 81 -1.14 -18.19 25.86
CA PRO C 81 -0.82 -19.59 25.55
C PRO C 81 -0.81 -20.46 26.78
N GLU C 85 2.03 -22.79 24.84
CA GLU C 85 2.83 -23.35 23.76
C GLU C 85 3.91 -22.42 23.27
N GLU C 86 4.26 -21.42 24.06
CA GLU C 86 5.25 -20.45 23.61
C GLU C 86 6.62 -21.01 23.93
N SER C 87 6.93 -22.19 23.42
CA SER C 87 8.20 -22.83 23.66
C SER C 87 8.37 -23.20 22.20
N SER C 88 7.30 -23.66 21.59
CA SER C 88 7.31 -24.02 20.18
C SER C 88 7.13 -22.77 19.33
N GLU C 89 6.26 -21.89 19.82
CA GLU C 89 5.94 -20.64 19.16
C GLU C 89 6.77 -19.66 19.92
N THR C 90 7.46 -18.82 19.19
CA THR C 90 8.30 -17.87 19.81
C THR C 90 7.39 -16.74 20.25
N GLU C 91 7.95 -15.76 20.92
CA GLU C 91 7.20 -14.56 21.21
C GLU C 91 6.81 -13.85 19.94
N GLN C 92 7.57 -14.08 18.89
CA GLN C 92 7.34 -13.45 17.59
C GLN C 92 5.94 -13.75 17.07
N ILE C 93 5.53 -15.01 17.16
CA ILE C 93 4.24 -15.43 16.65
C ILE C 93 3.11 -15.01 17.59
N SER C 94 3.30 -15.23 18.89
CA SER C 94 2.27 -14.96 19.88
C SER C 94 1.95 -13.48 20.03
N ILE C 95 2.94 -12.63 19.76
CA ILE C 95 2.77 -11.19 19.93
C ILE C 95 1.95 -10.59 18.78
N ILE C 96 1.67 -11.40 17.76
CA ILE C 96 0.82 -10.96 16.66
C ILE C 96 -0.36 -11.90 16.43
N GLU C 97 -0.53 -12.86 17.33
CA GLU C 97 -1.67 -13.79 17.24
C GLU C 97 -2.53 -13.78 18.50
N ARG C 98 -1.92 -13.53 19.66
CA ARG C 98 -2.66 -13.56 20.91
C ARG C 98 -2.84 -12.15 21.47
N PHE C 99 -4.08 -11.78 21.75
CA PHE C 99 -4.40 -10.46 22.26
C PHE C 99 -5.36 -10.55 23.44
N PRO C 100 -4.82 -10.90 24.63
CA PRO C 100 -5.63 -11.23 25.81
C PRO C 100 -5.98 -10.04 26.71
N TYR C 101 -5.36 -8.90 26.54
CA TYR C 101 -5.57 -7.80 27.47
C TYR C 101 -6.37 -6.64 26.92
N PRO C 102 -7.67 -6.52 27.41
CA PRO C 102 -8.46 -5.46 26.78
C PRO C 102 -8.42 -4.14 27.52
N PHE C 103 -8.57 -3.04 26.81
CA PHE C 103 -8.78 -1.75 27.45
C PHE C 103 -9.82 -0.95 26.68
N GLN C 104 -10.26 0.16 27.27
CA GLN C 104 -11.41 0.89 26.76
C GLN C 104 -11.04 2.31 26.34
N VAL C 105 -11.55 2.73 25.19
CA VAL C 105 -11.41 4.12 24.76
C VAL C 105 -12.79 4.71 24.47
N VAL C 106 -13.28 5.54 25.38
CA VAL C 106 -14.61 6.11 25.25
C VAL C 106 -14.60 7.53 24.67
N TYR C 107 -15.38 7.74 23.61
CA TYR C 107 -15.57 9.07 23.04
C TYR C 107 -17.05 9.26 22.73
N ASP C 108 -17.37 10.35 22.03
CA ASP C 108 -18.76 10.76 21.81
C ASP C 108 -19.65 9.66 21.23
N GLU C 109 -19.12 8.90 20.28
CA GLU C 109 -19.87 7.82 19.65
C GLU C 109 -20.04 6.62 20.58
N GLY C 110 -19.21 6.55 21.61
CA GLY C 110 -19.28 5.46 22.57
C GLY C 110 -17.92 4.86 22.85
N PRO C 111 -17.91 3.63 23.41
CA PRO C 111 -16.67 2.95 23.77
C PRO C 111 -16.04 2.18 22.61
N LEU C 112 -14.72 2.34 22.45
CA LEU C 112 -13.97 1.52 21.51
C LEU C 112 -13.16 0.48 22.29
N TYR C 113 -13.30 -0.78 21.91
CA TYR C 113 -12.63 -1.85 22.63
C TYR C 113 -11.41 -2.35 21.86
N VAL C 114 -10.27 -2.41 22.55
CA VAL C 114 -9.00 -2.75 21.91
C VAL C 114 -8.27 -3.77 22.77
N PHE C 115 -7.72 -4.80 22.11
CA PHE C 115 -7.05 -5.88 22.83
C PHE C 115 -5.54 -5.88 22.59
N SER C 116 -4.78 -5.80 23.68
CA SER C 116 -3.33 -5.78 23.62
C SER C 116 -2.74 -7.18 23.79
N PRO C 117 -1.62 -7.46 23.11
CA PRO C 117 -0.98 -8.78 23.23
C PRO C 117 -0.27 -8.99 24.57
N THR C 118 0.17 -7.90 25.20
CA THR C 118 0.85 -7.99 26.50
C THR C 118 0.31 -6.96 27.47
N GLU C 119 0.48 -7.21 28.76
CA GLU C 119 0.04 -6.28 29.80
C GLU C 119 0.87 -5.00 29.78
N GLU C 120 2.16 -5.13 29.52
CA GLU C 120 3.06 -3.99 29.48
C GLU C 120 2.68 -3.02 28.37
N LEU C 121 2.31 -3.57 27.22
CA LEU C 121 1.94 -2.75 26.07
C LEU C 121 0.62 -2.02 26.31
N ARG C 122 -0.30 -2.68 27.01
CA ARG C 122 -1.56 -2.06 27.37
C ARG C 122 -1.30 -0.94 28.36
N LYS C 123 -0.41 -1.20 29.31
CA LYS C 123 -0.02 -0.22 30.31
C LYS C 123 0.60 1.01 29.65
N ARG C 124 1.44 0.75 28.66
CA ARG C 124 2.10 1.81 27.90
C ARG C 124 1.10 2.71 27.19
N TRP C 125 0.11 2.08 26.54
CA TRP C 125 -0.87 2.81 25.75
C TRP C 125 -1.86 3.59 26.62
N ILE C 126 -2.33 2.96 27.69
CA ILE C 126 -3.25 3.60 28.61
C ILE C 126 -2.60 4.81 29.26
N HIS C 127 -1.34 4.65 29.64
CA HIS C 127 -0.56 5.72 30.26
C HIS C 127 -0.41 6.92 29.32
N GLN C 128 -0.01 6.66 28.09
CA GLN C 128 0.16 7.72 27.11
C GLN C 128 -1.15 8.41 26.77
N LEU C 129 -2.21 7.63 26.65
CA LEU C 129 -3.50 8.17 26.32
C LEU C 129 -4.01 9.09 27.41
N LYS C 130 -3.80 8.70 28.64
CA LYS C 130 -4.25 9.50 29.75
C LYS C 130 -3.53 10.83 29.76
N ASN C 131 -2.27 10.80 29.39
CA ASN C 131 -1.46 12.01 29.37
C ASN C 131 -1.97 13.06 28.38
N VAL C 132 -2.35 12.62 27.20
CA VAL C 132 -2.73 13.54 26.12
C VAL C 132 -4.17 14.02 26.22
N ILE C 133 -4.98 13.34 27.01
CA ILE C 133 -6.39 13.74 27.18
C ILE C 133 -6.63 14.46 28.50
N ARG C 134 -5.57 14.77 29.22
CA ARG C 134 -5.65 15.38 30.54
C ARG C 134 -6.38 16.70 30.64
N TYR C 135 -6.55 17.40 29.55
CA TYR C 135 -7.23 18.65 29.59
C TYR C 135 -8.49 18.62 28.81
N ASN C 136 -9.02 17.45 28.53
CA ASN C 136 -10.29 17.41 27.83
C ASN C 136 -11.39 17.88 28.77
N SER C 137 -12.31 18.67 28.25
CA SER C 137 -13.40 19.19 29.04
C SER C 137 -14.37 18.16 29.60
N ASP C 138 -14.62 17.13 28.81
CA ASP C 138 -15.58 16.09 29.14
C ASP C 138 -15.10 14.80 29.79
N LEU C 139 -14.03 14.83 30.56
CA LEU C 139 -13.58 13.59 31.14
C LEU C 139 -14.67 13.14 32.07
N VAL C 140 -14.98 11.85 32.07
CA VAL C 140 -16.04 11.33 32.93
C VAL C 140 -15.54 11.04 34.34
N GLN C 141 -16.48 10.87 35.26
CA GLN C 141 -16.15 10.49 36.63
C GLN C 141 -16.67 9.10 36.92
N LYS C 142 -17.58 8.64 36.06
CA LYS C 142 -18.11 7.28 36.15
C LYS C 142 -17.89 6.59 34.82
N TYR C 143 -17.67 5.28 34.85
CA TYR C 143 -17.43 4.53 33.63
C TYR C 143 -17.92 3.10 33.73
N HIS C 144 -17.95 2.41 32.60
CA HIS C 144 -18.35 1.01 32.55
C HIS C 144 -17.14 0.08 32.43
N PRO C 145 -16.82 -0.66 33.50
CA PRO C 145 -15.70 -1.61 33.51
C PRO C 145 -15.96 -2.90 32.70
N CYS C 146 -17.21 -3.10 32.30
CA CYS C 146 -17.62 -4.25 31.54
C CYS C 146 -18.05 -3.87 30.14
N PHE C 147 -17.81 -4.78 29.22
CA PHE C 147 -18.13 -4.59 27.82
C PHE C 147 -19.58 -4.41 27.49
N TRP C 148 -19.82 -3.58 26.48
CA TRP C 148 -21.14 -3.39 25.91
C TRP C 148 -21.38 -4.47 24.87
N ILE C 149 -22.45 -5.26 25.04
CA ILE C 149 -22.71 -6.35 24.12
C ILE C 149 -24.21 -6.61 23.93
N ASP C 150 -24.58 -6.82 22.67
CA ASP C 150 -25.96 -7.13 22.27
C ASP C 150 -27.02 -6.22 22.91
N GLY C 151 -26.66 -4.97 23.13
CA GLY C 151 -27.63 -3.97 23.56
C GLY C 151 -27.58 -3.55 25.02
N GLN C 152 -26.53 -3.95 25.74
CA GLN C 152 -26.41 -3.57 27.14
C GLN C 152 -24.99 -3.69 27.66
N TYR C 153 -24.72 -3.02 28.78
CA TYR C 153 -23.47 -3.22 29.48
C TYR C 153 -23.66 -4.42 30.43
N LEU C 154 -22.63 -5.24 30.56
CA LEU C 154 -22.72 -6.45 31.40
C LEU C 154 -22.53 -6.12 32.87
N CYS C 155 -22.16 -4.87 33.13
CA CYS C 155 -21.88 -4.40 34.49
C CYS C 155 -23.04 -3.69 35.19
N CYS C 156 -24.03 -3.23 34.44
CA CYS C 156 -25.11 -2.44 35.04
C CYS C 156 -26.44 -2.65 34.35
N SER C 157 -26.43 -3.48 33.31
CA SER C 157 -27.63 -3.86 32.56
C SER C 157 -28.32 -2.69 31.87
N GLN C 158 -27.64 -1.55 31.78
CA GLN C 158 -28.21 -0.38 31.12
C GLN C 158 -28.14 -0.53 29.61
N THR C 159 -29.22 -0.17 28.92
CA THR C 159 -29.36 -0.43 27.49
C THR C 159 -29.09 0.78 26.60
N ALA C 160 -28.47 1.81 27.16
CA ALA C 160 -28.05 2.96 26.36
C ALA C 160 -26.53 2.96 26.20
N LYS C 161 -26.06 3.05 24.96
CA LYS C 161 -24.63 3.01 24.70
C LYS C 161 -23.91 4.19 25.33
N ASN C 162 -24.61 5.31 25.46
CA ASN C 162 -24.02 6.50 26.08
C ASN C 162 -24.60 6.74 27.48
N ALA C 163 -25.11 5.68 28.10
CA ALA C 163 -25.63 5.77 29.46
C ALA C 163 -24.48 6.12 30.41
N MET C 164 -24.80 6.83 31.48
CA MET C 164 -23.79 7.24 32.44
C MET C 164 -23.14 6.01 33.08
N GLY C 165 -21.85 6.10 33.34
CA GLY C 165 -21.13 5.01 33.95
C GLY C 165 -21.68 4.65 35.31
N CYS C 166 -21.46 3.41 35.70
CA CYS C 166 -21.96 2.88 36.95
C CYS C 166 -20.85 2.63 37.97
N GLN C 167 -19.60 2.99 37.64
CA GLN C 167 -18.52 2.78 38.59
C GLN C 167 -17.58 3.98 38.64
N ILE C 168 -17.34 4.46 39.86
CA ILE C 168 -16.43 5.57 40.10
C ILE C 168 -15.01 5.04 40.23
N LEU C 169 -14.04 5.73 39.64
CA LEU C 169 -12.65 5.35 39.79
C LEU C 169 -11.73 6.57 39.70
N GLY D 1 3.08 -37.07 18.22
CA GLY D 1 4.43 -36.88 18.73
C GLY D 1 5.42 -36.52 17.62
N MET D 2 5.42 -37.33 16.56
CA MET D 2 6.29 -37.08 15.42
C MET D 2 5.79 -35.87 14.62
N ALA D 3 4.50 -35.56 14.79
CA ALA D 3 3.89 -34.44 14.09
C ALA D 3 3.92 -33.15 14.90
N THR D 4 4.48 -33.22 16.10
CA THR D 4 4.51 -32.06 16.99
C THR D 4 5.48 -30.98 16.49
N VAL D 5 5.01 -29.74 16.51
CA VAL D 5 5.86 -28.61 16.11
C VAL D 5 6.89 -28.34 17.19
N ILE D 6 8.17 -28.44 16.82
CA ILE D 6 9.25 -28.15 17.75
C ILE D 6 9.51 -26.64 17.81
N LEU D 7 9.63 -26.03 16.63
CA LEU D 7 9.86 -24.59 16.52
C LEU D 7 8.96 -23.99 15.45
N GLU D 8 8.56 -22.75 15.68
CA GLU D 8 7.71 -22.02 14.75
C GLU D 8 8.11 -20.55 14.70
N SER D 9 8.52 -20.09 13.53
CA SER D 9 8.94 -18.70 13.34
C SER D 9 8.71 -18.13 11.95
N ILE D 10 8.61 -16.82 11.88
CA ILE D 10 8.51 -16.14 10.58
C ILE D 10 9.88 -15.69 10.12
N PHE D 11 10.31 -16.20 8.97
CA PHE D 11 11.63 -15.90 8.45
C PHE D 11 11.56 -15.28 7.06
N LEU D 12 12.64 -14.61 6.66
CA LEU D 12 12.75 -14.16 5.28
C LEU D 12 13.54 -15.20 4.49
N LYS D 13 12.90 -15.78 3.49
CA LYS D 13 13.49 -16.87 2.73
C LYS D 13 13.88 -16.44 1.32
N ARG D 14 15.04 -16.88 0.87
CA ARG D 14 15.48 -16.61 -0.50
C ARG D 14 15.08 -17.78 -1.38
N SER D 15 14.57 -17.47 -2.57
CA SER D 15 14.13 -18.50 -3.52
C SER D 15 15.27 -19.42 -3.94
N GLN D 16 14.90 -20.54 -4.57
CA GLN D 16 15.87 -21.51 -5.02
C GLN D 16 15.72 -21.78 -6.50
N PRO D 23 14.15 -15.92 -10.82
CA PRO D 23 15.27 -15.07 -10.43
C PRO D 23 15.54 -15.18 -8.94
N LEU D 24 16.00 -14.08 -8.37
CA LEU D 24 16.33 -14.01 -6.96
C LEU D 24 15.50 -12.95 -6.23
N ASN D 25 14.63 -13.40 -5.34
CA ASN D 25 13.84 -12.50 -4.51
C ASN D 25 13.66 -13.06 -3.11
N PHE D 26 12.99 -12.29 -2.24
CA PHE D 26 12.79 -12.68 -0.86
C PHE D 26 11.33 -12.66 -0.45
N LYS D 27 10.86 -13.74 0.17
CA LYS D 27 9.50 -13.83 0.67
C LYS D 27 9.48 -14.19 2.15
N LYS D 28 8.55 -13.59 2.88
CA LYS D 28 8.35 -13.98 4.28
C LYS D 28 7.56 -15.28 4.33
N ARG D 29 8.06 -16.23 5.10
CA ARG D 29 7.43 -17.54 5.22
C ARG D 29 7.38 -17.99 6.66
N LEU D 30 6.29 -18.65 7.03
CA LEU D 30 6.19 -19.25 8.35
C LEU D 30 6.84 -20.64 8.33
N PHE D 31 7.88 -20.80 9.15
CA PHE D 31 8.61 -22.07 9.17
C PHE D 31 8.15 -22.95 10.33
N LEU D 32 7.94 -24.22 10.03
CA LEU D 32 7.58 -25.20 11.04
C LEU D 32 8.64 -26.29 11.08
N LEU D 33 9.11 -26.61 12.28
CA LEU D 33 10.07 -27.69 12.45
C LEU D 33 9.50 -28.81 13.29
N THR D 34 9.45 -30.00 12.69
CA THR D 34 9.15 -31.22 13.43
C THR D 34 10.38 -32.11 13.37
N VAL D 35 10.40 -33.24 14.07
CA VAL D 35 11.58 -34.05 13.98
C VAL D 35 11.74 -34.53 12.54
N GLN D 36 10.63 -34.97 11.97
CA GLN D 36 10.53 -35.47 10.59
C GLN D 36 10.67 -34.50 9.41
N LYS D 37 10.13 -33.30 9.54
CA LYS D 37 10.23 -32.37 8.44
C LYS D 37 10.39 -30.92 8.82
N LEU D 38 11.04 -30.20 7.94
CA LEU D 38 11.13 -28.74 8.03
C LEU D 38 10.29 -28.15 6.93
N SER D 39 9.18 -27.51 7.30
CA SER D 39 8.25 -27.00 6.32
C SER D 39 8.10 -25.49 6.41
N TYR D 40 7.77 -24.88 5.28
CA TYR D 40 7.54 -23.45 5.23
C TYR D 40 6.26 -23.20 4.45
N TYR D 41 5.46 -22.25 4.94
CA TYR D 41 4.19 -21.89 4.31
C TYR D 41 3.94 -20.40 4.25
N GLU D 42 3.02 -19.99 3.39
CA GLU D 42 2.59 -18.60 3.36
C GLU D 42 1.98 -18.30 4.72
N TYR D 43 2.10 -17.07 5.19
CA TYR D 43 1.48 -16.71 6.46
C TYR D 43 0.28 -15.80 6.26
N ASP D 44 -0.88 -16.29 6.68
CA ASP D 44 -2.11 -15.51 6.61
C ASP D 44 -2.22 -14.62 7.84
N PHE D 45 -1.84 -13.36 7.68
CA PHE D 45 -1.77 -12.42 8.80
C PHE D 45 -3.15 -12.07 9.36
N GLU D 46 -4.09 -11.78 8.48
CA GLU D 46 -5.43 -11.34 8.89
C GLU D 46 -6.16 -12.35 9.76
N ARG D 47 -6.01 -13.63 9.43
CA ARG D 47 -6.69 -14.69 10.18
C ARG D 47 -5.76 -15.31 11.22
N GLY D 48 -4.53 -14.82 11.27
CA GLY D 48 -3.55 -15.25 12.26
C GLY D 48 -3.29 -16.74 12.25
N ARG D 49 -3.02 -17.29 11.06
CA ARG D 49 -2.76 -18.71 10.92
C ARG D 49 -1.90 -18.97 9.68
N ARG D 50 -1.33 -20.18 9.61
CA ARG D 50 -0.50 -20.54 8.47
C ARG D 50 -1.34 -20.66 7.21
N GLY D 51 -0.76 -20.34 6.06
CA GLY D 51 -1.47 -20.42 4.80
C GLY D 51 -1.10 -21.68 4.06
N SER D 52 -1.06 -21.60 2.73
CA SER D 52 -0.80 -22.77 1.90
C SER D 52 0.65 -23.22 2.01
N LYS D 53 0.87 -24.53 2.00
CA LYS D 53 2.21 -25.08 2.10
C LYS D 53 2.99 -24.81 0.81
N LYS D 54 4.24 -24.40 0.95
CA LYS D 54 5.04 -24.03 -0.21
C LYS D 54 6.28 -24.89 -0.36
N GLY D 55 6.70 -25.54 0.72
CA GLY D 55 7.88 -26.39 0.67
C GLY D 55 8.15 -27.17 1.94
N SER D 56 8.90 -28.25 1.80
CA SER D 56 9.28 -29.08 2.94
C SER D 56 10.59 -29.83 2.68
N ILE D 57 11.43 -29.90 3.70
CA ILE D 57 12.69 -30.62 3.59
C ILE D 57 12.72 -31.73 4.64
N ASP D 58 12.94 -32.96 4.19
CA ASP D 58 13.14 -34.08 5.09
C ASP D 58 14.36 -33.83 5.97
N VAL D 59 14.16 -33.91 7.28
CA VAL D 59 15.21 -33.62 8.25
C VAL D 59 16.44 -34.51 8.07
N GLU D 60 16.23 -35.77 7.71
CA GLU D 60 17.34 -36.71 7.55
C GLU D 60 18.16 -36.46 6.29
N LYS D 61 17.68 -35.59 5.41
CA LYS D 61 18.42 -35.25 4.20
C LYS D 61 19.26 -33.98 4.38
N ILE D 62 19.14 -33.34 5.54
CA ILE D 62 19.92 -32.15 5.82
C ILE D 62 21.37 -32.53 6.11
N THR D 63 22.31 -31.84 5.49
CA THR D 63 23.72 -32.19 5.59
C THR D 63 24.53 -31.18 6.39
N CYS D 64 23.99 -29.98 6.55
CA CYS D 64 24.70 -28.91 7.25
C CYS D 64 23.78 -27.77 7.67
N VAL D 65 23.99 -27.27 8.88
CA VAL D 65 23.27 -26.10 9.37
C VAL D 65 24.24 -25.15 10.06
N GLU D 66 24.50 -24.01 9.44
CA GLU D 66 25.44 -23.04 9.97
C GLU D 66 24.97 -21.61 9.73
N THR D 67 25.67 -20.64 10.31
CA THR D 67 25.41 -19.23 10.03
C THR D 67 25.92 -18.86 8.64
N VAL D 68 25.55 -17.66 8.18
CA VAL D 68 26.03 -17.16 6.91
C VAL D 68 26.61 -15.76 7.06
N VAL D 69 27.70 -15.48 6.36
CA VAL D 69 28.29 -14.13 6.35
C VAL D 69 27.29 -13.12 5.81
N PRO D 70 26.95 -12.11 6.63
CA PRO D 70 25.99 -11.06 6.26
C PRO D 70 26.41 -10.29 5.01
N GLU D 71 25.45 -9.92 4.18
CA GLU D 71 25.75 -9.21 2.95
C GLU D 71 26.26 -7.79 3.25
N LYS D 72 27.17 -7.32 2.40
CA LYS D 72 27.87 -6.05 2.65
C LYS D 72 26.98 -4.84 2.43
N ASN D 73 26.09 -4.89 1.43
CA ASN D 73 25.14 -3.80 1.22
C ASN D 73 23.69 -4.26 1.29
N PRO D 74 23.21 -4.53 2.52
CA PRO D 74 21.86 -5.02 2.80
C PRO D 74 20.76 -3.95 2.71
N PRO D 75 19.70 -4.21 1.94
CA PRO D 75 18.52 -3.34 1.94
C PRO D 75 17.93 -3.25 3.35
N PRO D 76 17.17 -2.19 3.66
CA PRO D 76 16.71 -1.92 5.02
C PRO D 76 15.97 -3.08 5.70
N GLU D 77 15.29 -3.92 4.92
CA GLU D 77 14.57 -5.06 5.50
C GLU D 77 15.50 -6.11 6.10
N ARG D 78 16.79 -6.00 5.79
CA ARG D 78 17.79 -6.92 6.32
C ARG D 78 18.91 -6.17 7.03
N GLN D 79 18.55 -5.06 7.68
CA GLN D 79 19.49 -4.27 8.46
C GLN D 79 19.18 -4.39 9.95
N ILE D 80 20.20 -4.24 10.78
CA ILE D 80 20.01 -4.23 12.23
C ILE D 80 19.27 -2.97 12.69
N GLU D 91 8.79 -3.16 19.22
CA GLU D 91 9.41 -4.48 19.10
C GLU D 91 8.48 -5.44 18.38
N GLN D 92 7.18 -5.22 18.51
CA GLN D 92 6.16 -6.04 17.87
C GLN D 92 6.25 -6.00 16.34
N ILE D 93 6.40 -4.80 15.79
CA ILE D 93 6.41 -4.59 14.35
C ILE D 93 7.75 -4.97 13.70
N SER D 94 8.85 -4.57 14.31
CA SER D 94 10.17 -4.77 13.72
C SER D 94 10.56 -6.24 13.61
N ILE D 95 10.00 -7.05 14.50
CA ILE D 95 10.33 -8.47 14.55
C ILE D 95 9.70 -9.27 13.40
N ILE D 96 8.85 -8.60 12.61
CA ILE D 96 8.25 -9.23 11.44
C ILE D 96 8.51 -8.41 10.17
N GLU D 97 9.37 -7.40 10.28
CA GLU D 97 9.70 -6.58 9.12
C GLU D 97 11.20 -6.59 8.82
N ARG D 98 12.02 -6.71 9.85
CA ARG D 98 13.47 -6.71 9.68
C ARG D 98 14.07 -8.08 9.94
N PHE D 99 14.86 -8.57 9.00
CA PHE D 99 15.46 -9.91 9.11
C PHE D 99 16.96 -9.87 8.75
N PRO D 100 17.79 -9.40 9.71
CA PRO D 100 19.21 -9.13 9.46
C PRO D 100 20.16 -10.31 9.69
N TYR D 101 19.72 -11.35 10.36
CA TYR D 101 20.59 -12.47 10.64
C TYR D 101 20.32 -13.67 9.79
N PRO D 102 21.30 -14.08 8.98
CA PRO D 102 21.07 -15.22 8.08
C PRO D 102 21.86 -16.48 8.38
N PHE D 103 21.16 -17.62 8.39
CA PHE D 103 21.80 -18.91 8.64
C PHE D 103 21.52 -19.86 7.49
N GLN D 104 22.22 -21.00 7.47
CA GLN D 104 22.23 -21.88 6.31
C GLN D 104 21.65 -23.27 6.57
N VAL D 105 20.86 -23.76 5.62
CA VAL D 105 20.37 -25.13 5.67
C VAL D 105 20.71 -25.87 4.37
N VAL D 106 21.69 -26.77 4.41
CA VAL D 106 22.11 -27.49 3.22
C VAL D 106 21.43 -28.85 3.14
N TYR D 107 20.80 -29.13 2.01
CA TYR D 107 20.18 -30.43 1.77
C TYR D 107 20.51 -30.93 0.36
N ASP D 108 19.85 -32.01 -0.06
CA ASP D 108 20.21 -32.70 -1.31
C ASP D 108 20.29 -31.79 -2.54
N GLU D 109 19.33 -30.89 -2.68
CA GLU D 109 19.32 -29.97 -3.82
C GLU D 109 20.35 -28.84 -3.68
N GLY D 110 20.84 -28.63 -2.46
CA GLY D 110 21.79 -27.57 -2.20
C GLY D 110 21.44 -26.74 -0.98
N PRO D 111 22.00 -25.53 -0.88
CA PRO D 111 21.79 -24.68 0.29
C PRO D 111 20.50 -23.84 0.23
N LEU D 112 19.77 -23.84 1.34
CA LEU D 112 18.62 -22.95 1.52
C LEU D 112 19.01 -21.81 2.46
N TYR D 113 18.76 -20.58 2.03
CA TYR D 113 19.14 -19.41 2.84
C TYR D 113 17.93 -18.77 3.54
N VAL D 114 18.08 -18.56 4.84
CA VAL D 114 16.98 -18.09 5.68
C VAL D 114 17.44 -16.96 6.61
N PHE D 115 16.63 -15.91 6.72
CA PHE D 115 16.97 -14.75 7.54
C PHE D 115 16.10 -14.61 8.79
N SER D 116 16.75 -14.59 9.95
CA SER D 116 16.07 -14.43 11.23
C SER D 116 16.02 -12.97 11.65
N PRO D 117 14.93 -12.56 12.33
CA PRO D 117 14.82 -11.16 12.78
C PRO D 117 15.74 -10.81 13.94
N THR D 118 16.09 -11.80 14.76
CA THR D 118 16.98 -11.57 15.90
C THR D 118 18.07 -12.63 15.98
N GLU D 119 19.17 -12.30 16.65
CA GLU D 119 20.27 -13.24 16.87
C GLU D 119 19.83 -14.35 17.81
N GLU D 120 19.01 -13.98 18.79
CA GLU D 120 18.51 -14.93 19.78
C GLU D 120 17.67 -16.03 19.13
N LEU D 121 16.83 -15.64 18.17
CA LEU D 121 15.97 -16.60 17.48
C LEU D 121 16.77 -17.49 16.55
N ARG D 122 17.82 -16.94 15.93
CA ARG D 122 18.68 -17.73 15.06
C ARG D 122 19.44 -18.78 15.85
N LYS D 123 19.92 -18.40 17.02
CA LYS D 123 20.64 -19.34 17.89
C LYS D 123 19.76 -20.52 18.27
N ARG D 124 18.50 -20.24 18.58
CA ARG D 124 17.54 -21.30 18.93
C ARG D 124 17.34 -22.29 17.78
N TRP D 125 17.19 -21.78 16.57
CA TRP D 125 16.93 -22.62 15.41
C TRP D 125 18.14 -23.46 15.04
N ILE D 126 19.31 -22.85 15.05
CA ILE D 126 20.55 -23.54 14.71
C ILE D 126 20.81 -24.66 15.73
N HIS D 127 20.62 -24.36 17.01
CA HIS D 127 20.79 -25.34 18.07
C HIS D 127 19.83 -26.50 17.91
N GLN D 128 18.55 -26.18 17.69
CA GLN D 128 17.53 -27.21 17.53
C GLN D 128 17.73 -28.06 16.29
N LEU D 129 18.06 -27.41 15.17
CA LEU D 129 18.31 -28.13 13.92
C LEU D 129 19.51 -29.07 14.02
N LYS D 130 20.57 -28.60 14.67
CA LYS D 130 21.77 -29.41 14.83
C LYS D 130 21.50 -30.62 15.72
N ASN D 131 20.58 -30.47 16.66
CA ASN D 131 20.22 -31.54 17.58
C ASN D 131 19.52 -32.71 16.87
N VAL D 132 18.59 -32.40 15.98
CA VAL D 132 17.76 -33.42 15.34
C VAL D 132 18.42 -34.07 14.13
N ILE D 133 19.46 -33.44 13.60
CA ILE D 133 20.18 -33.98 12.44
C ILE D 133 21.48 -34.66 12.85
N ARG D 134 21.67 -34.77 14.17
CA ARG D 134 22.90 -35.31 14.75
C ARG D 134 23.28 -36.68 14.18
N TYR D 135 22.28 -37.51 13.91
CA TYR D 135 22.52 -38.88 13.50
C TYR D 135 22.33 -39.09 12.00
N ASN D 136 22.33 -38.00 11.24
CA ASN D 136 22.27 -38.08 9.79
C ASN D 136 23.57 -38.63 9.24
N SER D 137 23.50 -39.35 8.12
CA SER D 137 24.65 -40.05 7.56
C SER D 137 25.55 -39.14 6.73
N ASP D 138 24.98 -38.10 6.14
CA ASP D 138 25.71 -37.23 5.22
C ASP D 138 26.22 -35.93 5.85
N LEU D 139 26.46 -35.93 7.15
CA LEU D 139 26.95 -34.73 7.83
C LEU D 139 28.35 -34.35 7.33
N VAL D 140 28.47 -33.12 6.84
CA VAL D 140 29.71 -32.64 6.23
C VAL D 140 30.77 -32.24 7.26
N GLN D 141 32.00 -32.09 6.78
CA GLN D 141 33.10 -31.60 7.61
C GLN D 141 33.56 -30.23 7.09
N LYS D 142 33.13 -29.91 5.87
CA LYS D 142 33.44 -28.62 5.26
C LYS D 142 32.15 -27.93 4.83
N TYR D 143 32.14 -26.60 4.86
CA TYR D 143 30.95 -25.84 4.48
C TYR D 143 31.29 -24.49 3.85
N HIS D 144 30.28 -23.85 3.26
CA HIS D 144 30.45 -22.53 2.66
C HIS D 144 29.86 -21.44 3.56
N PRO D 145 30.73 -20.62 4.15
CA PRO D 145 30.30 -19.54 5.05
C PRO D 145 29.62 -18.37 4.32
N CYS D 146 29.83 -18.31 3.01
CA CYS D 146 29.31 -17.25 2.16
C CYS D 146 28.25 -17.74 1.19
N PHE D 147 27.32 -16.85 0.89
CA PHE D 147 26.21 -17.12 0.00
C PHE D 147 26.55 -17.52 -1.42
N TRP D 148 25.72 -18.41 -1.94
CA TRP D 148 25.73 -18.81 -3.34
C TRP D 148 24.85 -17.86 -4.14
N ILE D 149 25.40 -17.22 -5.17
CA ILE D 149 24.62 -16.27 -5.95
C ILE D 149 25.04 -16.23 -7.42
N ASP D 150 24.04 -16.22 -8.30
CA ASP D 150 24.21 -16.15 -9.75
C ASP D 150 25.26 -17.12 -10.30
N GLY D 151 25.37 -18.29 -9.69
CA GLY D 151 26.21 -19.35 -10.22
C GLY D 151 27.55 -19.63 -9.55
N GLN D 152 27.77 -19.05 -8.38
CA GLN D 152 29.03 -19.31 -7.67
C GLN D 152 28.93 -18.98 -6.17
N TYR D 153 29.87 -19.53 -5.40
CA TYR D 153 30.02 -19.17 -3.99
C TYR D 153 30.95 -17.98 -3.86
N LEU D 154 30.65 -17.09 -2.91
CA LEU D 154 31.47 -15.90 -2.70
C LEU D 154 32.69 -16.20 -1.85
N CYS D 155 32.76 -17.41 -1.31
CA CYS D 155 33.85 -17.80 -0.43
C CYS D 155 34.97 -18.56 -1.14
N CYS D 156 34.67 -19.12 -2.31
CA CYS D 156 35.64 -19.95 -3.01
C CYS D 156 35.51 -19.90 -4.53
N SER D 157 34.53 -19.13 -5.00
CA SER D 157 34.32 -18.91 -6.44
C SER D 157 34.01 -20.20 -7.22
N GLN D 158 33.65 -21.27 -6.50
CA GLN D 158 33.31 -22.53 -7.14
C GLN D 158 31.93 -22.46 -7.78
N THR D 159 31.81 -23.01 -8.99
CA THR D 159 30.59 -22.84 -9.79
C THR D 159 29.66 -24.06 -9.74
N ALA D 160 29.86 -24.92 -8.75
CA ALA D 160 28.95 -26.04 -8.52
C ALA D 160 28.10 -25.76 -7.29
N LYS D 161 26.79 -25.89 -7.43
CA LYS D 161 25.87 -25.58 -6.34
C LYS D 161 26.09 -26.51 -5.14
N ASN D 162 26.52 -27.73 -5.42
CA ASN D 162 26.81 -28.69 -4.36
C ASN D 162 28.31 -28.93 -4.20
N ALA D 163 29.11 -27.95 -4.59
CA ALA D 163 30.56 -28.04 -4.43
C ALA D 163 30.93 -28.12 -2.95
N MET D 164 32.03 -28.83 -2.67
CA MET D 164 32.48 -29.04 -1.30
C MET D 164 32.87 -27.73 -0.60
N GLY D 165 32.59 -27.68 0.71
CA GLY D 165 32.91 -26.51 1.53
C GLY D 165 34.39 -26.17 1.54
N CYS D 166 34.69 -24.91 1.87
CA CYS D 166 36.07 -24.44 1.83
C CYS D 166 36.69 -24.25 3.22
N GLN D 167 35.92 -24.50 4.28
CA GLN D 167 36.44 -24.32 5.63
C GLN D 167 35.93 -25.41 6.58
N ILE D 168 36.81 -25.88 7.45
CA ILE D 168 36.47 -26.93 8.40
C ILE D 168 35.64 -26.40 9.56
N LEU D 169 34.60 -27.14 9.92
CA LEU D 169 33.74 -26.82 11.06
C LEU D 169 34.48 -26.71 12.39
#